data_1B0E
#
_entry.id   1B0E
#
_cell.length_a   69.100
_cell.length_b   69.100
_cell.length_c   51.100
_cell.angle_alpha   90.00
_cell.angle_beta   90.00
_cell.angle_gamma   120.00
#
_symmetry.space_group_name_H-M   'P 31'
#
loop_
_entity.id
_entity.type
_entity.pdbx_description
1 polymer 'PROTEIN (ELASTASE)'
2 non-polymer 'CALCIUM ION'
3 non-polymer '1-{3-METHYL-2-[4-(MORPHOLINE-4-CARBONYL)-BENZOYLAMINO]-BUTYRYL}-PYRROLIDINE-2-CARBOXYLIC ACID (3,3,4,4,4-PENTAFLUORO-1-ISOPROPYL-2-OXO-BUTYL)-AMIDE'
4 water water
#
_entity_poly.entity_id   1
_entity_poly.type   'polypeptide(L)'
_entity_poly.pdbx_seq_one_letter_code
;VVGGTEAQRNSWPSQISLQYRSGSSWAHTCGGTLIRQNWVMTAAHCVDRELTFRVVVGEHNLNQNNGTEQYVGVQKIVVH
PYWNTDDVAAGYDIALLRLAQSVTLNSYVQLGVLPRAGTILANNSPCYITGWGLTRTNGQLAQTLQQAYLPTVDYAICSS
SSYWGSTVKNSMVCAGGDGVRSGCQGDSGGPLHCLVNGQYAVHGVTSFVSRLGCNVTRKPTVFTRVSAYISWINNVIASN
;
_entity_poly.pdbx_strand_id   A
#
# COMPACT_ATOMS: atom_id res chain seq x y z
N VAL A 1 8.37 0.69 -7.22
CA VAL A 1 7.86 1.89 -7.94
C VAL A 1 8.72 2.12 -9.18
N VAL A 2 8.09 2.08 -10.35
CA VAL A 2 8.75 2.30 -11.63
C VAL A 2 8.50 3.75 -12.04
N GLY A 3 9.53 4.41 -12.57
CA GLY A 3 9.41 5.79 -13.00
C GLY A 3 9.36 6.84 -11.90
N GLY A 4 9.82 6.48 -10.70
CA GLY A 4 9.79 7.43 -9.61
C GLY A 4 11.17 7.93 -9.26
N THR A 5 11.31 8.46 -8.05
CA THR A 5 12.60 8.95 -7.60
C THR A 5 12.66 8.76 -6.09
N GLU A 6 13.86 8.73 -5.53
CA GLU A 6 14.00 8.56 -4.11
C GLU A 6 13.30 9.68 -3.35
N ALA A 7 12.60 9.31 -2.30
CA ALA A 7 11.89 10.26 -1.47
C ALA A 7 12.85 10.85 -0.44
N GLN A 8 12.49 12.02 0.06
CA GLN A 8 13.24 12.70 1.10
C GLN A 8 13.07 11.82 2.34
N ARG A 9 14.15 11.61 3.10
CA ARG A 9 14.10 10.81 4.31
C ARG A 9 12.93 11.16 5.21
N ASN A 10 12.18 10.14 5.59
CA ASN A 10 11.03 10.27 6.48
C ASN A 10 9.95 11.27 6.05
N SER A 11 9.83 11.50 4.74
CA SER A 11 8.81 12.43 4.24
C SER A 11 7.41 11.81 4.12
N TRP A 12 7.30 10.50 4.30
CA TRP A 12 6.03 9.76 4.27
C TRP A 12 6.08 8.91 5.54
N PRO A 13 5.97 9.56 6.72
CA PRO A 13 6.02 8.90 8.04
C PRO A 13 5.02 7.80 8.39
N SER A 14 3.97 7.61 7.58
CA SER A 14 3.00 6.55 7.84
C SER A 14 3.35 5.25 7.10
N GLN A 15 4.29 5.34 6.17
CA GLN A 15 4.73 4.18 5.37
C GLN A 15 5.51 3.19 6.22
N ILE A 16 5.15 1.91 6.16
CA ILE A 16 5.89 0.90 6.90
C ILE A 16 6.43 -0.17 5.94
N SER A 17 7.42 -0.92 6.41
CA SER A 17 7.99 -2.02 5.66
C SER A 17 7.54 -3.28 6.39
N LEU A 18 6.86 -4.18 5.69
CA LEU A 18 6.39 -5.44 6.26
C LEU A 18 7.44 -6.48 5.86
N GLN A 19 8.01 -7.14 6.86
CA GLN A 19 9.07 -8.11 6.63
C GLN A 19 8.78 -9.47 7.27
N TYR A 20 9.28 -10.54 6.66
CA TYR A 20 9.09 -11.88 7.19
C TYR A 20 10.44 -12.52 7.52
N ARG A 21 10.41 -13.41 8.50
CA ARG A 21 11.61 -14.10 8.94
C ARG A 21 12.07 -15.10 7.91
N SER A 22 13.18 -14.79 7.25
CA SER A 22 13.72 -15.67 6.24
C SER A 22 14.86 -16.42 6.93
N GLY A 23 14.47 -17.38 7.77
CA GLY A 23 15.42 -18.19 8.50
C GLY A 23 16.36 -17.40 9.40
N SER A 24 17.46 -16.96 8.82
CA SER A 24 18.47 -16.20 9.54
C SER A 24 18.15 -14.71 9.66
N SER A 25 17.65 -14.12 8.58
CA SER A 25 17.36 -12.70 8.59
C SER A 25 15.89 -12.35 8.33
N TRP A 26 15.66 -11.08 8.04
CA TRP A 26 14.34 -10.54 7.76
C TRP A 26 14.35 -9.98 6.35
N ALA A 27 13.29 -10.25 5.59
CA ALA A 27 13.21 -9.77 4.23
C ALA A 27 11.93 -8.95 3.99
N HIS A 28 12.08 -7.80 3.33
CA HIS A 28 10.95 -6.94 2.99
C HIS A 28 10.09 -7.74 2.03
N THR A 29 8.78 -7.72 2.25
CA THR A 29 7.87 -8.43 1.36
C THR A 29 6.72 -7.54 0.87
N CYS A 30 6.37 -6.53 1.66
CA CYS A 30 5.27 -5.64 1.30
C CYS A 30 5.35 -4.32 2.05
N GLY A 31 4.55 -3.36 1.60
CA GLY A 31 4.47 -2.07 2.26
C GLY A 31 3.22 -2.11 3.14
N GLY A 32 2.91 -0.99 3.78
CA GLY A 32 1.74 -0.91 4.63
C GLY A 32 1.62 0.52 5.14
N THR A 33 0.53 0.79 5.86
CA THR A 33 0.27 2.11 6.41
C THR A 33 -0.04 1.99 7.90
N LEU A 34 0.65 2.77 8.71
CA LEU A 34 0.41 2.78 10.15
C LEU A 34 -0.88 3.59 10.38
N ILE A 35 -1.92 2.97 10.95
CA ILE A 35 -3.18 3.68 11.17
C ILE A 35 -3.51 3.94 12.64
N ARG A 36 -2.85 3.23 13.54
CA ARG A 36 -3.01 3.40 14.99
C ARG A 36 -1.61 3.09 15.52
N GLN A 37 -1.34 3.42 16.78
CA GLN A 37 -0.02 3.14 17.35
C GLN A 37 0.28 1.66 17.35
N ASN A 38 -0.76 0.83 17.30
CA ASN A 38 -0.56 -0.61 17.29
C ASN A 38 -1.32 -1.35 16.20
N TRP A 39 -1.67 -0.64 15.12
CA TRP A 39 -2.38 -1.24 13.98
C TRP A 39 -1.81 -0.76 12.65
N VAL A 40 -1.63 -1.71 11.74
CA VAL A 40 -1.10 -1.46 10.40
C VAL A 40 -2.10 -2.02 9.39
N MET A 41 -2.32 -1.27 8.31
CA MET A 41 -3.23 -1.66 7.24
C MET A 41 -2.38 -2.07 6.02
N THR A 42 -2.67 -3.22 5.43
CA THR A 42 -1.91 -3.70 4.29
C THR A 42 -2.84 -4.52 3.38
N ALA A 43 -2.27 -5.17 2.37
CA ALA A 43 -3.07 -6.00 1.49
C ALA A 43 -3.20 -7.42 2.06
N ALA A 44 -4.38 -8.02 1.89
CA ALA A 44 -4.61 -9.39 2.34
C ALA A 44 -3.62 -10.36 1.68
N HIS A 45 -3.28 -10.15 0.41
CA HIS A 45 -2.36 -11.05 -0.29
C HIS A 45 -0.93 -11.05 0.24
N CYS A 46 -0.62 -10.11 1.12
CA CYS A 46 0.70 -10.01 1.73
C CYS A 46 0.84 -10.90 2.95
N VAL A 47 -0.29 -11.16 3.60
CA VAL A 47 -0.27 -11.90 4.85
C VAL A 47 -1.19 -13.11 4.95
N ASP A 48 -1.58 -13.68 3.82
CA ASP A 48 -2.47 -14.84 3.84
C ASP A 48 -1.77 -16.19 3.83
N ARG A 49 -0.54 -16.23 4.32
CA ARG A 49 0.21 -17.47 4.40
C ARG A 49 0.93 -17.43 5.75
N GLU A 50 1.16 -18.60 6.33
CA GLU A 50 1.77 -18.70 7.66
C GLU A 50 3.27 -18.43 7.72
N LEU A 51 3.59 -17.16 7.98
CA LEU A 51 4.98 -16.72 8.10
C LEU A 51 5.06 -15.87 9.37
N THR A 52 6.28 -15.59 9.82
CA THR A 52 6.50 -14.75 10.99
C THR A 52 6.82 -13.36 10.46
N PHE A 53 6.02 -12.39 10.84
CA PHE A 53 6.19 -11.03 10.34
C PHE A 53 6.60 -10.00 11.38
N ARG A 54 7.21 -8.93 10.90
CA ARG A 54 7.56 -7.81 11.75
C ARG A 54 7.31 -6.56 10.90
N VAL A 55 7.13 -5.44 11.56
CA VAL A 55 6.89 -4.17 10.91
C VAL A 55 8.01 -3.19 11.29
N VAL A 56 8.50 -2.43 10.32
CA VAL A 56 9.52 -1.43 10.57
C VAL A 56 8.96 -0.05 10.23
N VAL A 57 8.88 0.82 11.23
CA VAL A 57 8.39 2.19 11.03
C VAL A 57 9.62 3.11 11.05
N GLY A 58 9.46 4.32 10.50
CA GLY A 58 10.56 5.27 10.44
C GLY A 58 11.69 4.79 9.53
N GLU A 59 11.34 3.96 8.57
CA GLU A 59 12.31 3.41 7.65
C GLU A 59 12.57 4.23 6.38
N HIS A 60 13.80 4.12 5.87
CA HIS A 60 14.19 4.76 4.61
C HIS A 60 15.06 3.82 3.77
N ASN A 61 16.25 3.50 4.29
CA ASN A 61 17.18 2.60 3.60
C ASN A 61 17.07 1.22 4.26
N LEU A 62 16.64 0.22 3.51
CA LEU A 62 16.48 -1.12 4.06
C LEU A 62 17.77 -1.78 4.54
N ASN A 63 18.91 -1.36 4.02
CA ASN A 63 20.19 -1.97 4.38
C ASN A 63 21.12 -1.23 5.33
N GLN A 64 20.72 -0.05 5.80
CA GLN A 64 21.57 0.71 6.71
C GLN A 64 20.76 1.28 7.87
N ASN A 65 21.41 1.52 9.00
CA ASN A 65 20.72 2.09 10.14
C ASN A 65 20.62 3.60 9.88
N ASN A 66 19.39 4.10 9.91
CA ASN A 66 19.13 5.51 9.67
C ASN A 66 18.95 6.21 11.00
N GLY A 67 18.82 5.43 12.07
CA GLY A 67 18.64 5.99 13.41
C GLY A 67 17.23 6.45 13.76
N THR A 68 16.26 6.23 12.87
CA THR A 68 14.87 6.65 13.12
C THR A 68 13.88 5.48 13.17
N GLU A 69 14.39 4.27 12.95
CA GLU A 69 13.56 3.07 12.90
C GLU A 69 13.12 2.48 14.22
N GLN A 70 11.99 1.80 14.19
CA GLN A 70 11.44 1.08 15.33
C GLN A 70 10.97 -0.24 14.73
N TYR A 71 11.39 -1.34 15.33
CA TYR A 71 11.05 -2.67 14.85
C TYR A 71 10.07 -3.28 15.82
N VAL A 72 8.97 -3.82 15.30
CA VAL A 72 7.97 -4.41 16.18
C VAL A 72 7.33 -5.64 15.54
N GLY A 73 7.12 -6.69 16.34
CA GLY A 73 6.52 -7.90 15.83
C GLY A 73 5.03 -7.79 15.59
N VAL A 74 4.52 -8.64 14.71
CA VAL A 74 3.10 -8.67 14.40
C VAL A 74 2.49 -9.74 15.29
N GLN A 75 1.50 -9.33 16.07
CA GLN A 75 0.83 -10.19 17.02
C GLN A 75 -0.42 -10.89 16.49
N LYS A 76 -1.19 -10.18 15.67
CA LYS A 76 -2.43 -10.76 15.14
C LYS A 76 -2.71 -10.27 13.72
N ILE A 77 -3.16 -11.18 12.86
CA ILE A 77 -3.46 -10.82 11.49
C ILE A 77 -4.95 -11.02 11.24
N VAL A 78 -5.61 -9.98 10.74
CA VAL A 78 -7.04 -10.04 10.44
C VAL A 78 -7.23 -9.73 8.94
N VAL A 79 -7.50 -10.78 8.18
CA VAL A 79 -7.71 -10.68 6.74
C VAL A 79 -9.22 -10.49 6.51
N HIS A 80 -9.57 -9.72 5.48
CA HIS A 80 -10.99 -9.51 5.20
C HIS A 80 -11.70 -10.84 4.94
N PRO A 81 -12.88 -11.04 5.53
CA PRO A 81 -13.68 -12.28 5.39
C PRO A 81 -13.98 -12.73 3.96
N TYR A 82 -14.13 -11.77 3.04
CA TYR A 82 -14.43 -12.10 1.65
C TYR A 82 -13.23 -12.36 0.76
N TRP A 83 -12.02 -12.14 1.28
CA TRP A 83 -10.81 -12.36 0.49
C TRP A 83 -10.59 -13.82 0.10
N ASN A 84 -10.18 -14.04 -1.14
CA ASN A 84 -9.84 -15.37 -1.63
C ASN A 84 -8.44 -15.25 -2.19
N THR A 85 -7.53 -16.02 -1.60
CA THR A 85 -6.12 -16.04 -1.96
C THR A 85 -5.81 -16.12 -3.45
N ASP A 86 -6.60 -16.89 -4.19
CA ASP A 86 -6.38 -17.11 -5.61
C ASP A 86 -7.15 -16.18 -6.54
N ASP A 87 -7.85 -15.19 -5.99
CA ASP A 87 -8.67 -14.32 -6.83
C ASP A 87 -8.50 -12.85 -6.46
N VAL A 88 -7.38 -12.27 -6.85
CA VAL A 88 -7.10 -10.86 -6.54
C VAL A 88 -8.09 -9.88 -7.18
N ALA A 89 -8.56 -10.18 -8.40
CA ALA A 89 -9.49 -9.29 -9.12
C ALA A 89 -10.90 -9.21 -8.53
N ALA A 90 -11.23 -10.12 -7.62
CA ALA A 90 -12.55 -10.10 -6.98
C ALA A 90 -12.59 -8.94 -5.99
N GLY A 91 -11.42 -8.50 -5.53
CA GLY A 91 -11.37 -7.40 -4.57
C GLY A 91 -11.20 -7.91 -3.15
N TYR A 92 -11.54 -7.09 -2.16
CA TYR A 92 -11.42 -7.41 -0.73
C TYR A 92 -9.97 -7.64 -0.32
N ASP A 93 -9.04 -7.04 -1.07
CA ASP A 93 -7.62 -7.18 -0.80
C ASP A 93 -7.19 -6.21 0.30
N ILE A 94 -7.51 -6.54 1.54
CA ILE A 94 -7.16 -5.68 2.66
C ILE A 94 -7.06 -6.54 3.91
N ALA A 95 -6.15 -6.14 4.81
CA ALA A 95 -5.93 -6.84 6.07
C ALA A 95 -5.37 -5.85 7.09
N LEU A 96 -5.63 -6.14 8.35
CA LEU A 96 -5.16 -5.32 9.45
C LEU A 96 -4.26 -6.17 10.34
N LEU A 97 -3.15 -5.59 10.78
CA LEU A 97 -2.18 -6.28 11.61
C LEU A 97 -2.08 -5.63 12.98
N ARG A 98 -2.34 -6.38 14.04
CA ARG A 98 -2.19 -5.80 15.38
C ARG A 98 -0.74 -6.04 15.79
N LEU A 99 -0.05 -4.96 16.14
CA LEU A 99 1.35 -5.03 16.53
C LEU A 99 1.52 -5.53 17.97
N ALA A 100 2.66 -6.17 18.25
CA ALA A 100 2.97 -6.70 19.57
C ALA A 100 3.06 -5.61 20.63
N GLN A 101 3.49 -4.42 20.22
CA GLN A 101 3.62 -3.27 21.11
C GLN A 101 3.23 -2.05 20.30
N SER A 102 2.92 -0.96 21.00
CA SER A 102 2.57 0.30 20.35
C SER A 102 3.89 0.99 20.02
N VAL A 103 3.96 1.59 18.83
CA VAL A 103 5.17 2.32 18.44
C VAL A 103 5.09 3.72 19.04
N THR A 104 6.22 4.42 19.08
CA THR A 104 6.27 5.77 19.60
C THR A 104 6.10 6.75 18.44
N LEU A 105 5.03 7.53 18.46
CA LEU A 105 4.82 8.52 17.40
C LEU A 105 5.77 9.69 17.64
N ASN A 106 6.37 10.20 16.56
CA ASN A 106 7.29 11.32 16.63
C ASN A 106 7.40 11.90 15.23
N SER A 107 8.43 12.68 14.96
CA SER A 107 8.60 13.31 13.65
C SER A 107 8.71 12.32 12.47
N TYR A 108 9.24 11.14 12.75
CA TYR A 108 9.48 10.13 11.73
C TYR A 108 8.42 9.05 11.64
N VAL A 109 7.53 9.00 12.63
CA VAL A 109 6.51 7.96 12.70
C VAL A 109 5.15 8.61 12.99
N GLN A 110 4.27 8.61 12.00
CA GLN A 110 2.97 9.20 12.15
C GLN A 110 1.84 8.36 11.56
N LEU A 111 0.63 8.58 12.04
CA LEU A 111 -0.53 7.84 11.55
C LEU A 111 -0.99 8.37 10.19
N GLY A 112 -1.38 7.46 9.31
CA GLY A 112 -1.87 7.84 8.01
C GLY A 112 -3.31 8.29 8.21
N VAL A 113 -3.74 9.31 7.46
CA VAL A 113 -5.11 9.80 7.59
C VAL A 113 -6.01 9.04 6.61
N LEU A 114 -7.11 8.51 7.12
CA LEU A 114 -8.04 7.77 6.28
C LEU A 114 -9.18 8.65 5.80
N PRO A 115 -9.64 8.43 4.56
CA PRO A 115 -10.74 9.23 4.02
C PRO A 115 -12.07 8.86 4.66
N ARG A 116 -13.03 9.76 4.54
CA ARG A 116 -14.38 9.53 5.04
C ARG A 116 -15.01 8.42 4.19
N ALA A 117 -15.83 7.58 4.81
CA ALA A 117 -16.47 6.49 4.10
C ALA A 117 -17.23 6.96 2.84
N GLY A 118 -17.11 6.20 1.76
CA GLY A 118 -17.79 6.54 0.53
C GLY A 118 -17.15 7.61 -0.34
N THR A 119 -16.05 8.20 0.11
CA THR A 119 -15.37 9.24 -0.66
C THR A 119 -14.84 8.73 -2.00
N ILE A 120 -15.15 9.47 -3.07
CA ILE A 120 -14.70 9.11 -4.41
C ILE A 120 -13.91 10.30 -4.97
N LEU A 121 -12.70 10.03 -5.47
CA LEU A 121 -11.84 11.05 -6.03
C LEU A 121 -12.18 11.35 -7.49
N ALA A 122 -12.10 12.63 -7.85
CA ALA A 122 -12.35 13.06 -9.22
C ALA A 122 -11.24 12.49 -10.11
N ASN A 123 -11.51 12.40 -11.39
CA ASN A 123 -10.54 11.88 -12.35
C ASN A 123 -9.31 12.77 -12.32
N ASN A 124 -8.15 12.15 -12.51
CA ASN A 124 -6.88 12.86 -12.53
C ASN A 124 -6.51 13.55 -11.22
N SER A 125 -6.97 13.03 -10.09
CA SER A 125 -6.63 13.61 -8.79
C SER A 125 -5.14 13.36 -8.51
N PRO A 126 -4.45 14.34 -7.90
CA PRO A 126 -3.02 14.20 -7.59
C PRO A 126 -2.74 13.23 -6.44
N CYS A 127 -2.06 12.14 -6.75
CA CYS A 127 -1.72 11.14 -5.75
C CYS A 127 -0.28 10.69 -5.96
N TYR A 128 0.30 10.08 -4.94
CA TYR A 128 1.66 9.58 -4.99
C TYR A 128 1.69 8.19 -4.41
N ILE A 129 2.42 7.30 -5.07
CA ILE A 129 2.57 5.94 -4.57
C ILE A 129 3.98 5.90 -3.99
N THR A 130 4.16 5.20 -2.87
CA THR A 130 5.48 5.08 -2.24
C THR A 130 5.76 3.61 -1.95
N GLY A 131 7.03 3.22 -1.99
CA GLY A 131 7.38 1.84 -1.70
C GLY A 131 8.81 1.50 -2.04
N TRP A 132 9.22 0.30 -1.62
CA TRP A 132 10.56 -0.25 -1.86
C TRP A 132 10.51 -1.32 -2.94
N GLY A 133 9.43 -1.36 -3.72
CA GLY A 133 9.29 -2.38 -4.75
C GLY A 133 10.23 -2.25 -5.94
N LEU A 134 10.12 -3.18 -6.88
CA LEU A 134 10.95 -3.16 -8.08
C LEU A 134 10.87 -1.82 -8.76
N THR A 135 12.02 -1.34 -9.25
CA THR A 135 12.04 -0.06 -9.94
C THR A 135 11.87 -0.23 -11.45
N ARG A 136 11.81 -1.48 -11.89
CA ARG A 136 11.62 -1.83 -13.29
C ARG A 136 10.91 -3.16 -13.33
N THR A 137 10.12 -3.39 -14.37
CA THR A 137 9.42 -4.67 -14.52
C THR A 137 10.53 -5.72 -14.57
N ASN A 138 10.44 -6.72 -13.70
CA ASN A 138 11.43 -7.79 -13.59
C ASN A 138 12.81 -7.28 -13.18
N GLY A 139 12.81 -6.17 -12.44
CA GLY A 139 14.05 -5.57 -11.96
C GLY A 139 14.35 -6.06 -10.56
N GLN A 140 14.84 -5.16 -9.72
CA GLN A 140 15.18 -5.51 -8.34
C GLN A 140 14.60 -4.51 -7.37
N LEU A 141 14.48 -4.92 -6.11
CA LEU A 141 13.94 -4.06 -5.06
C LEU A 141 14.79 -2.81 -4.89
N ALA A 142 14.15 -1.74 -4.42
CA ALA A 142 14.84 -0.49 -4.16
C ALA A 142 15.35 -0.54 -2.72
N GLN A 143 16.57 -0.07 -2.50
CA GLN A 143 17.16 -0.03 -1.17
C GLN A 143 16.56 1.10 -0.36
N THR A 144 16.21 2.17 -1.07
CA THR A 144 15.66 3.36 -0.45
C THR A 144 14.23 3.62 -0.93
N LEU A 145 13.41 4.20 -0.05
CA LEU A 145 12.02 4.50 -0.35
C LEU A 145 11.90 5.37 -1.61
N GLN A 146 11.07 4.92 -2.55
CA GLN A 146 10.83 5.63 -3.80
C GLN A 146 9.42 6.21 -3.80
N GLN A 147 9.19 7.20 -4.66
CA GLN A 147 7.87 7.80 -4.81
C GLN A 147 7.66 8.16 -6.28
N ALA A 148 6.41 8.17 -6.70
CA ALA A 148 6.05 8.55 -8.07
C ALA A 148 4.65 9.17 -8.06
N TYR A 149 4.49 10.21 -8.87
CA TYR A 149 3.23 10.90 -9.02
C TYR A 149 2.37 9.94 -9.84
N LEU A 150 1.18 9.63 -9.35
CA LEU A 150 0.28 8.70 -9.98
C LEU A 150 -1.17 9.23 -9.88
N PRO A 151 -1.60 10.07 -10.84
CA PRO A 151 -2.95 10.62 -10.80
C PRO A 151 -4.02 9.56 -11.05
N THR A 152 -5.17 9.73 -10.42
CA THR A 152 -6.27 8.77 -10.56
C THR A 152 -6.91 8.75 -11.94
N VAL A 153 -7.46 7.59 -12.29
CA VAL A 153 -8.19 7.38 -13.53
C VAL A 153 -9.54 6.96 -12.97
N ASP A 154 -10.58 7.75 -13.17
CA ASP A 154 -11.86 7.38 -12.58
C ASP A 154 -12.43 6.02 -13.03
N TYR A 155 -13.36 5.51 -12.24
CA TYR A 155 -13.98 4.22 -12.49
C TYR A 155 -14.57 4.01 -13.89
N ALA A 156 -15.28 5.01 -14.39
CA ALA A 156 -15.89 4.93 -15.72
C ALA A 156 -14.85 4.69 -16.81
N ILE A 157 -13.70 5.34 -16.68
CA ILE A 157 -12.62 5.17 -17.66
C ILE A 157 -11.86 3.88 -17.38
N CYS A 158 -11.54 3.63 -16.12
CA CYS A 158 -10.80 2.44 -15.77
C CYS A 158 -11.48 1.12 -16.10
N SER A 159 -12.80 1.07 -15.95
CA SER A 159 -13.56 -0.14 -16.24
C SER A 159 -13.95 -0.23 -17.72
N SER A 160 -13.45 0.69 -18.54
CA SER A 160 -13.75 0.64 -19.97
C SER A 160 -12.89 -0.48 -20.57
N SER A 161 -13.34 -1.03 -21.70
CA SER A 161 -12.64 -2.13 -22.35
C SER A 161 -11.18 -1.88 -22.75
N SER A 162 -10.84 -0.66 -23.12
CA SER A 162 -9.47 -0.35 -23.51
C SER A 162 -8.55 -0.27 -22.29
N TYR A 163 -9.15 -0.18 -21.10
CA TYR A 163 -8.39 -0.15 -19.86
C TYR A 163 -8.45 -1.51 -19.16
N TRP A 164 -9.14 -1.60 -18.03
CA TRP A 164 -9.21 -2.87 -17.32
C TRP A 164 -10.49 -3.66 -17.52
N GLY A 165 -11.51 -3.03 -18.10
CA GLY A 165 -12.77 -3.72 -18.32
C GLY A 165 -13.46 -4.07 -17.02
N SER A 166 -14.07 -5.24 -16.98
CA SER A 166 -14.78 -5.70 -15.78
C SER A 166 -13.86 -6.19 -14.67
N THR A 167 -12.57 -6.30 -14.95
CA THR A 167 -11.60 -6.72 -13.95
C THR A 167 -11.62 -5.77 -12.75
N VAL A 168 -11.80 -4.47 -13.01
CA VAL A 168 -11.84 -3.52 -11.90
C VAL A 168 -13.27 -3.33 -11.39
N LYS A 169 -13.40 -3.32 -10.07
CA LYS A 169 -14.70 -3.16 -9.40
C LYS A 169 -14.75 -1.75 -8.82
N ASN A 170 -15.94 -1.31 -8.43
CA ASN A 170 -16.06 0.04 -7.86
C ASN A 170 -15.43 0.15 -6.47
N SER A 171 -15.02 -0.99 -5.91
CA SER A 171 -14.37 -1.08 -4.60
C SER A 171 -12.85 -0.90 -4.76
N MET A 172 -12.43 -0.46 -5.94
CA MET A 172 -11.02 -0.28 -6.24
C MET A 172 -10.79 1.12 -6.78
N VAL A 173 -9.52 1.53 -6.74
CA VAL A 173 -9.09 2.82 -7.27
C VAL A 173 -7.98 2.52 -8.28
N CYS A 174 -8.02 3.20 -9.43
CA CYS A 174 -6.97 3.04 -10.44
C CYS A 174 -6.16 4.32 -10.45
N ALA A 175 -4.86 4.20 -10.69
CA ALA A 175 -4.01 5.38 -10.77
C ALA A 175 -2.85 5.06 -11.70
N GLY A 176 -2.41 6.06 -12.45
CA GLY A 176 -1.31 5.88 -13.38
C GLY A 176 -1.77 5.41 -14.74
N GLY A 177 -1.06 4.43 -15.30
CA GLY A 177 -1.43 3.91 -16.61
C GLY A 177 -0.89 4.69 -17.79
N ASP A 178 0.15 5.49 -17.58
CA ASP A 178 0.75 6.26 -18.67
C ASP A 178 1.88 5.48 -19.35
N GLY A 179 2.20 4.32 -18.80
CA GLY A 179 3.24 3.48 -19.35
C GLY A 179 4.62 3.84 -18.83
N VAL A 180 4.69 4.88 -18.01
CA VAL A 180 5.95 5.35 -17.43
C VAL A 180 6.06 5.07 -15.93
N ARG A 181 5.03 5.44 -15.18
CA ARG A 181 5.03 5.24 -13.73
C ARG A 181 4.01 4.20 -13.27
N SER A 182 4.38 3.46 -12.23
CA SER A 182 3.51 2.43 -11.67
C SER A 182 4.06 1.79 -10.40
N GLY A 183 3.20 0.99 -9.76
CA GLY A 183 3.62 0.22 -8.60
C GLY A 183 4.21 -1.03 -9.25
N CYS A 184 4.91 -1.86 -8.48
CA CYS A 184 5.52 -3.06 -9.01
C CYS A 184 5.77 -4.01 -7.82
N GLN A 185 6.20 -5.24 -8.07
CA GLN A 185 6.40 -6.22 -6.99
C GLN A 185 7.20 -5.68 -5.79
N GLY A 186 6.61 -5.80 -4.61
CA GLY A 186 7.23 -5.31 -3.39
C GLY A 186 6.52 -4.05 -2.88
N ASP A 187 5.75 -3.41 -3.75
CA ASP A 187 4.98 -2.21 -3.39
C ASP A 187 3.63 -2.58 -2.77
N SER A 188 3.19 -3.81 -3.04
CA SER A 188 1.91 -4.34 -2.54
C SER A 188 1.65 -4.00 -1.07
N GLY A 189 0.39 -3.67 -0.78
CA GLY A 189 0.00 -3.37 0.60
C GLY A 189 0.29 -1.95 1.03
N GLY A 190 1.11 -1.24 0.26
CA GLY A 190 1.48 0.13 0.57
C GLY A 190 0.41 1.15 0.28
N PRO A 191 0.65 2.41 0.66
CA PRO A 191 -0.33 3.49 0.44
C PRO A 191 -0.31 4.24 -0.88
N LEU A 192 -1.46 4.79 -1.21
CA LEU A 192 -1.62 5.68 -2.36
C LEU A 192 -2.03 6.94 -1.59
N HIS A 193 -1.12 7.91 -1.51
CA HIS A 193 -1.38 9.17 -0.79
C HIS A 193 -1.99 10.18 -1.77
N CYS A 194 -3.19 10.69 -1.47
CA CYS A 194 -3.82 11.67 -2.35
C CYS A 194 -4.04 12.99 -1.67
N LEU A 195 -3.69 14.06 -2.37
CA LEU A 195 -3.83 15.40 -1.84
C LEU A 195 -5.24 15.94 -2.02
N VAL A 196 -5.99 16.03 -0.93
CA VAL A 196 -7.36 16.52 -0.98
C VAL A 196 -7.48 17.69 0.00
N ASN A 197 -7.85 18.85 -0.52
CA ASN A 197 -8.01 20.06 0.26
C ASN A 197 -6.87 20.39 1.22
N GLY A 198 -5.65 20.37 0.68
CA GLY A 198 -4.47 20.67 1.48
C GLY A 198 -3.87 19.56 2.31
N GLN A 199 -4.59 18.46 2.48
CA GLN A 199 -4.10 17.34 3.27
C GLN A 199 -3.97 16.03 2.50
N TYR A 200 -2.93 15.26 2.80
CA TYR A 200 -2.75 13.95 2.17
C TYR A 200 -3.53 12.93 3.00
N ALA A 201 -4.27 12.07 2.32
CA ALA A 201 -5.03 11.01 2.98
C ALA A 201 -4.72 9.76 2.17
N VAL A 202 -4.74 8.61 2.84
CA VAL A 202 -4.43 7.34 2.17
C VAL A 202 -5.72 6.77 1.57
N HIS A 203 -5.85 6.91 0.26
CA HIS A 203 -7.05 6.44 -0.44
C HIS A 203 -6.98 5.03 -0.98
N GLY A 204 -5.78 4.47 -1.07
CA GLY A 204 -5.66 3.13 -1.60
C GLY A 204 -4.58 2.27 -0.97
N VAL A 205 -4.77 0.97 -1.12
CA VAL A 205 -3.82 -0.04 -0.64
C VAL A 205 -3.41 -0.74 -1.95
N THR A 206 -2.13 -0.63 -2.30
CA THR A 206 -1.61 -1.22 -3.53
C THR A 206 -1.96 -2.72 -3.66
N SER A 207 -2.68 -3.06 -4.72
CA SER A 207 -3.12 -4.44 -4.92
C SER A 207 -2.50 -5.22 -6.07
N PHE A 208 -2.74 -4.80 -7.32
CA PHE A 208 -2.21 -5.54 -8.47
C PHE A 208 -1.93 -4.73 -9.73
N VAL A 209 -1.19 -5.36 -10.64
CA VAL A 209 -0.84 -4.79 -11.95
C VAL A 209 -1.19 -5.85 -12.99
N SER A 210 -1.00 -5.52 -14.27
CA SER A 210 -1.32 -6.47 -15.33
C SER A 210 -0.28 -7.55 -15.56
N ARG A 211 -0.68 -8.59 -16.28
CA ARG A 211 0.22 -9.67 -16.63
C ARG A 211 1.20 -9.18 -17.69
N LEU A 212 0.89 -8.05 -18.32
CA LEU A 212 1.75 -7.47 -19.36
C LEU A 212 2.98 -6.75 -18.80
N GLY A 213 2.93 -6.41 -17.52
CA GLY A 213 4.05 -5.73 -16.90
C GLY A 213 3.56 -4.72 -15.88
N CYS A 214 4.50 -4.12 -15.16
CA CYS A 214 4.16 -3.11 -14.15
C CYS A 214 3.67 -1.82 -14.80
N ASN A 215 4.56 -1.12 -15.51
CA ASN A 215 4.20 0.11 -16.19
C ASN A 215 3.73 -0.19 -17.62
N VAL A 216 2.42 -0.18 -17.81
CA VAL A 216 1.83 -0.48 -19.11
C VAL A 216 0.77 0.58 -19.42
N THR A 217 0.81 1.10 -20.65
CA THR A 217 -0.14 2.12 -21.06
C THR A 217 -1.55 1.57 -21.00
N ARG A 218 -2.45 2.33 -20.38
CA ARG A 218 -3.86 1.97 -20.23
C ARG A 218 -4.12 0.80 -19.28
N LYS A 219 -3.12 0.47 -18.48
CA LYS A 219 -3.25 -0.59 -17.48
C LYS A 219 -2.75 0.02 -16.16
N PRO A 220 -3.54 0.92 -15.58
CA PRO A 220 -3.21 1.59 -14.31
C PRO A 220 -2.96 0.61 -13.16
N THR A 221 -2.20 1.05 -12.16
CA THR A 221 -1.97 0.23 -10.99
C THR A 221 -3.33 0.23 -10.29
N VAL A 222 -3.74 -0.93 -9.76
CA VAL A 222 -5.03 -1.05 -9.10
C VAL A 222 -4.87 -1.12 -7.59
N PHE A 223 -5.68 -0.35 -6.89
CA PHE A 223 -5.66 -0.25 -5.44
C PHE A 223 -7.00 -0.61 -4.82
N THR A 224 -6.97 -1.12 -3.59
CA THR A 224 -8.19 -1.41 -2.86
C THR A 224 -8.68 -0.02 -2.42
N ARG A 225 -9.95 0.30 -2.66
CA ARG A 225 -10.47 1.61 -2.24
C ARG A 225 -10.71 1.62 -0.73
N VAL A 226 -9.85 2.31 0.01
CA VAL A 226 -9.95 2.41 1.46
C VAL A 226 -11.31 2.92 1.95
N SER A 227 -11.88 3.92 1.29
CA SER A 227 -13.18 4.47 1.70
C SER A 227 -14.36 3.49 1.61
N ALA A 228 -14.13 2.32 1.02
CA ALA A 228 -15.16 1.29 0.91
C ALA A 228 -15.11 0.34 2.11
N TYR A 229 -14.05 0.47 2.92
CA TYR A 229 -13.82 -0.41 4.07
C TYR A 229 -13.73 0.26 5.44
N ILE A 230 -14.17 1.49 5.54
CA ILE A 230 -14.09 2.24 6.79
C ILE A 230 -14.82 1.58 7.97
N SER A 231 -16.04 1.09 7.74
CA SER A 231 -16.80 0.44 8.81
C SER A 231 -16.08 -0.81 9.30
N TRP A 232 -15.58 -1.60 8.35
CA TRP A 232 -14.87 -2.83 8.68
C TRP A 232 -13.63 -2.53 9.53
N ILE A 233 -12.83 -1.58 9.07
CA ILE A 233 -11.61 -1.18 9.78
C ILE A 233 -11.91 -0.76 11.22
N ASN A 234 -12.93 0.08 11.40
CA ASN A 234 -13.32 0.54 12.73
C ASN A 234 -13.80 -0.60 13.61
N ASN A 235 -14.57 -1.52 13.04
CA ASN A 235 -15.07 -2.67 13.80
C ASN A 235 -13.97 -3.59 14.27
N VAL A 236 -13.01 -3.88 13.38
CA VAL A 236 -11.91 -4.77 13.73
C VAL A 236 -11.06 -4.19 14.87
N ILE A 237 -10.69 -2.92 14.75
CA ILE A 237 -9.87 -2.27 15.76
C ILE A 237 -10.57 -2.25 17.12
N ALA A 238 -11.86 -1.97 17.11
CA ALA A 238 -12.64 -1.90 18.35
C ALA A 238 -12.86 -3.25 19.03
N SER A 239 -12.87 -4.32 18.26
CA SER A 239 -13.11 -5.66 18.80
C SER A 239 -11.85 -6.45 19.14
N ASN A 240 -10.70 -5.88 18.82
CA ASN A 240 -9.42 -6.56 19.07
C ASN A 240 -8.46 -5.64 19.82
#